data_2Z7K
#
_entry.id   2Z7K
#
_cell.length_a   90.500
_cell.length_b   65.100
_cell.length_c   70.600
_cell.angle_alpha   90.00
_cell.angle_beta   96.20
_cell.angle_gamma   90.00
#
_symmetry.space_group_name_H-M   'C 1 2 1'
#
loop_
_entity.id
_entity.type
_entity.pdbx_description
1 polymer 'Queuine tRNA-ribosyltransferase'
2 non-polymer 'ZINC ION'
3 non-polymer 2,6-diamino-1,7-dihydro-8H-imidazo[4,5-g]quinazolin-8-one
4 non-polymer GLYCEROL
5 water water
#
_entity_poly.entity_id   1
_entity_poly.type   'polypeptide(L)'
_entity_poly.pdbx_seq_one_letter_code
;MVEATAQETDRPRFSFSIAAREGKARTGTIEMKRGVIRTPAFMPVGTAATVKALKPETVRATGADIILGNTYHLMLRPGA
ERIAKLGGLHSFMGWDRPILTDSGGYQVMSLSSLTKQSEEGVTFKSHLDGSRHMLSPERSIEIQHLLGSDIVMAFDECTP
YPATPSRAASSMERSMRWAKRSRDAFDSRKEQAENAALFGIQQGSVFENLRQQSADALAEIGFDGYAVGGLAVGEGQDEM
FRVLDFSVPMLPDDKPHYLMGVGKPDDIVGAVERGIDMFDCVLPTRSGRNGQAFTWDGPINIRNARFSEDLKPLDSECHC
AVCQKWSRAYIHHLIRAGEILGAMLMTEHNIAFYQQLMQKIRDSISEGRFSQFAQDFRARYFARNS
;
_entity_poly.pdbx_strand_id   A
#
loop_
_chem_comp.id
_chem_comp.type
_chem_comp.name
_chem_comp.formula
BGU non-polymer 2,6-diamino-1,7-dihydro-8H-imidazo[4,5-g]quinazolin-8-one 'C9 H8 N6 O'
GOL non-polymer GLYCEROL 'C3 H8 O3'
ZN non-polymer 'ZINC ION' 'Zn 2'
#
# COMPACT_ATOMS: atom_id res chain seq x y z
N ARG A 11 -19.42 13.49 4.06
CA ARG A 11 -19.04 12.55 3.02
C ARG A 11 -19.89 11.26 3.14
N PRO A 12 -19.95 10.57 2.04
CA PRO A 12 -20.48 9.22 1.90
C PRO A 12 -19.51 8.18 2.51
N ARG A 13 -20.08 7.01 2.74
CA ARG A 13 -19.30 5.83 3.13
C ARG A 13 -18.19 5.63 2.13
N PHE A 14 -18.46 5.68 0.82
CA PHE A 14 -17.48 5.41 -0.19
C PHE A 14 -17.97 5.95 -1.52
N SER A 15 -17.18 6.75 -2.19
CA SER A 15 -17.45 7.21 -3.56
C SER A 15 -16.13 7.42 -4.30
N PHE A 16 -15.89 6.71 -5.32
CA PHE A 16 -14.73 6.89 -6.19
C PHE A 16 -15.14 7.62 -7.45
N SER A 17 -14.47 8.73 -7.71
CA SER A 17 -14.77 9.48 -8.92
C SER A 17 -13.48 9.69 -9.72
N ILE A 18 -13.55 9.50 -11.02
CA ILE A 18 -12.44 9.65 -11.92
C ILE A 18 -12.52 11.02 -12.60
N ALA A 19 -11.62 11.90 -12.34
CA ALA A 19 -11.64 13.25 -12.88
C ALA A 19 -10.92 13.39 -14.20
N ALA A 20 -9.96 12.55 -14.55
CA ALA A 20 -9.22 12.66 -15.78
C ALA A 20 -8.54 11.36 -16.07
N ARG A 21 -8.26 11.09 -17.33
CA ARG A 21 -7.68 9.89 -17.82
C ARG A 21 -6.61 10.12 -18.88
N GLU A 22 -5.65 9.28 -19.01
CA GLU A 22 -4.67 9.29 -20.09
C GLU A 22 -4.25 7.87 -20.32
N GLY A 23 -4.69 7.34 -21.46
CA GLY A 23 -4.41 5.92 -21.68
C GLY A 23 -5.17 5.10 -20.62
N LYS A 24 -4.41 4.18 -20.02
CA LYS A 24 -4.98 3.40 -18.91
C LYS A 24 -4.86 4.12 -17.58
N ALA A 25 -4.14 5.24 -17.50
CA ALA A 25 -3.99 5.94 -16.24
C ALA A 25 -5.20 6.79 -15.90
N ARG A 26 -5.51 6.94 -14.63
CA ARG A 26 -6.61 7.69 -14.11
C ARG A 26 -6.20 8.53 -12.93
N THR A 27 -6.83 9.64 -12.73
CA THR A 27 -6.68 10.40 -11.50
C THR A 27 -8.04 10.80 -11.01
N GLY A 28 -8.21 10.83 -9.69
CA GLY A 28 -9.48 11.15 -9.09
C GLY A 28 -9.44 11.12 -7.57
N THR A 29 -10.58 10.82 -6.99
CA THR A 29 -10.71 10.93 -5.55
C THR A 29 -11.56 9.78 -5.05
N ILE A 30 -11.22 9.28 -3.88
CA ILE A 30 -12.10 8.43 -3.10
C ILE A 30 -12.60 9.26 -1.94
N GLU A 31 -13.89 9.47 -1.77
CA GLU A 31 -14.47 10.12 -0.62
C GLU A 31 -14.96 9.09 0.38
N MET A 32 -14.54 9.24 1.64
CA MET A 32 -14.96 8.42 2.74
C MET A 32 -15.34 9.26 3.94
N LYS A 33 -15.93 8.66 4.95
CA LYS A 33 -16.37 9.47 6.09
C LYS A 33 -15.21 10.17 6.75
N ARG A 34 -14.03 9.54 6.85
CA ARG A 34 -12.91 10.17 7.54
C ARG A 34 -12.05 11.04 6.65
N GLY A 35 -12.35 11.18 5.36
CA GLY A 35 -11.61 12.04 4.50
C GLY A 35 -11.54 11.65 3.07
N VAL A 36 -10.90 12.47 2.26
CA VAL A 36 -10.74 12.31 0.84
C VAL A 36 -9.36 11.75 0.56
N ILE A 37 -9.29 10.79 -0.33
CA ILE A 37 -8.04 10.20 -0.81
C ILE A 37 -7.81 10.57 -2.26
N ARG A 38 -6.76 11.28 -2.57
CA ARG A 38 -6.42 11.65 -3.95
C ARG A 38 -5.76 10.48 -4.64
N THR A 39 -6.16 10.10 -5.82
CA THR A 39 -5.62 9.00 -6.54
C THR A 39 -4.95 9.38 -7.86
N PRO A 40 -3.88 8.77 -8.33
CA PRO A 40 -3.20 7.67 -7.60
C PRO A 40 -2.58 8.06 -6.28
N ALA A 41 -2.70 7.15 -5.30
CA ALA A 41 -2.37 7.36 -3.90
C ALA A 41 -1.25 6.44 -3.46
N PHE A 42 -0.31 6.95 -2.65
CA PHE A 42 0.63 6.15 -1.92
C PHE A 42 0.28 6.17 -0.44
N MET A 43 0.17 4.99 0.13
CA MET A 43 -0.14 4.77 1.54
C MET A 43 1.10 4.40 2.32
N PRO A 44 1.62 5.29 3.19
CA PRO A 44 2.68 4.88 4.12
C PRO A 44 2.22 3.71 4.98
N VAL A 45 3.19 2.84 5.30
CA VAL A 45 2.86 1.63 6.03
C VAL A 45 3.06 1.87 7.53
N GLY A 46 2.04 1.53 8.32
CA GLY A 46 2.06 1.65 9.75
C GLY A 46 1.73 0.37 10.50
N THR A 47 2.45 -0.68 10.17
CA THR A 47 2.28 -2.03 10.67
C THR A 47 2.09 -2.20 12.16
N ALA A 48 2.85 -1.57 13.03
CA ALA A 48 2.68 -1.69 14.47
C ALA A 48 1.90 -0.49 15.05
N ALA A 49 0.92 0.02 14.34
CA ALA A 49 0.18 1.20 14.83
C ALA A 49 1.06 2.46 14.92
N THR A 50 2.05 2.50 14.04
CA THR A 50 2.89 3.69 13.87
C THR A 50 3.56 3.62 12.51
N VAL A 51 3.64 4.73 11.79
CA VAL A 51 4.53 4.87 10.63
C VAL A 51 5.89 5.12 11.23
N LYS A 52 6.82 4.23 11.03
CA LYS A 52 8.01 4.15 11.86
C LYS A 52 8.76 5.46 11.82
N ALA A 53 9.06 6.05 12.99
CA ALA A 53 9.82 7.23 13.26
C ALA A 53 9.12 8.51 12.89
N LEU A 54 7.82 8.51 12.67
CA LEU A 54 7.07 9.72 12.35
C LEU A 54 5.87 9.87 13.23
N LYS A 55 5.63 11.04 13.78
CA LYS A 55 4.31 11.36 14.31
C LYS A 55 3.29 11.40 13.21
N PRO A 56 2.02 11.10 13.50
CA PRO A 56 0.99 11.16 12.48
C PRO A 56 0.87 12.54 11.84
N GLU A 57 1.09 13.60 12.59
CA GLU A 57 1.01 14.95 12.00
C GLU A 57 2.09 15.13 10.96
N THR A 58 3.25 14.49 11.11
CA THR A 58 4.33 14.56 10.14
C THR A 58 3.98 13.75 8.92
N VAL A 59 3.39 12.58 9.10
CA VAL A 59 2.89 11.80 7.95
C VAL A 59 1.90 12.65 7.16
N ARG A 60 0.97 13.34 7.83
CA ARG A 60 0.00 14.14 7.08
C ARG A 60 0.72 15.29 6.42
N ALA A 61 1.68 15.93 7.05
CA ALA A 61 2.34 17.09 6.43
C ALA A 61 3.09 16.71 5.16
N THR A 62 3.49 15.47 5.01
CA THR A 62 4.12 15.06 3.75
C THR A 62 3.12 14.92 2.61
N GLY A 63 1.84 14.92 2.91
CA GLY A 63 0.81 14.82 1.91
C GLY A 63 -0.01 13.54 1.91
N ALA A 64 0.29 12.60 2.82
CA ALA A 64 -0.48 11.34 2.83
C ALA A 64 -1.91 11.60 3.23
N ASP A 65 -2.83 10.91 2.55
CA ASP A 65 -4.25 10.98 2.80
C ASP A 65 -4.80 9.76 3.52
N ILE A 66 -4.02 8.69 3.55
CA ILE A 66 -4.43 7.38 4.07
C ILE A 66 -3.15 6.61 4.39
N ILE A 67 -3.18 5.80 5.43
CA ILE A 67 -2.08 4.93 5.80
C ILE A 67 -2.56 3.48 5.86
N LEU A 68 -1.63 2.55 5.84
CA LEU A 68 -1.90 1.13 5.88
C LEU A 68 -1.59 0.55 7.24
N GLY A 69 -2.42 -0.26 7.79
CA GLY A 69 -2.20 -1.09 8.92
C GLY A 69 -2.36 -2.57 8.55
N ASN A 70 -2.04 -3.45 9.51
CA ASN A 70 -1.99 -4.89 9.24
C ASN A 70 -2.72 -5.67 10.33
N THR A 71 -3.70 -6.43 9.96
CA THR A 71 -4.44 -7.33 10.83
C THR A 71 -3.52 -8.28 11.57
N TYR A 72 -2.57 -8.88 10.86
CA TYR A 72 -1.70 -9.87 11.49
C TYR A 72 -0.91 -9.27 12.62
N HIS A 73 -0.17 -8.19 12.41
CA HIS A 73 0.67 -7.64 13.41
C HIS A 73 -0.12 -7.12 14.61
N LEU A 74 -1.22 -6.41 14.34
CA LEU A 74 -1.96 -5.80 15.42
C LEU A 74 -2.74 -6.81 16.25
N MET A 75 -3.14 -7.91 15.64
CA MET A 75 -3.78 -8.97 16.41
C MET A 75 -2.77 -9.56 17.39
N LEU A 76 -1.53 -9.60 17.09
CA LEU A 76 -0.49 -10.16 17.98
C LEU A 76 -0.12 -9.14 19.03
N ARG A 77 0.05 -7.86 18.64
CA ARG A 77 0.53 -6.84 19.55
C ARG A 77 -0.01 -5.50 19.06
N PRO A 78 -0.83 -4.79 19.80
CA PRO A 78 -1.28 -5.01 21.15
C PRO A 78 -2.49 -5.89 21.34
N GLY A 79 -3.08 -6.38 20.25
CA GLY A 79 -4.33 -7.15 20.32
C GLY A 79 -5.48 -6.34 19.77
N ALA A 80 -6.35 -6.99 19.00
CA ALA A 80 -7.47 -6.32 18.38
C ALA A 80 -8.56 -5.93 19.36
N GLU A 81 -8.94 -6.83 20.22
CA GLU A 81 -9.89 -6.51 21.27
C GLU A 81 -9.38 -5.39 22.19
N ARG A 82 -8.11 -5.37 22.47
CA ARG A 82 -7.51 -4.31 23.28
C ARG A 82 -7.68 -2.97 22.58
N ILE A 83 -7.29 -2.92 21.29
CA ILE A 83 -7.46 -1.67 20.57
C ILE A 83 -8.91 -1.22 20.55
N ALA A 84 -9.85 -2.14 20.35
CA ALA A 84 -11.25 -1.73 20.38
C ALA A 84 -11.64 -1.14 21.73
N LYS A 85 -11.18 -1.80 22.80
CA LYS A 85 -11.53 -1.30 24.14
C LYS A 85 -10.97 0.09 24.34
N LEU A 86 -9.83 0.41 23.74
CA LEU A 86 -9.20 1.72 23.85
C LEU A 86 -9.78 2.75 22.89
N GLY A 87 -10.74 2.39 22.05
CA GLY A 87 -11.42 3.33 21.19
C GLY A 87 -11.11 3.20 19.72
N GLY A 88 -10.36 2.18 19.34
CA GLY A 88 -10.08 1.90 17.95
C GLY A 88 -8.71 2.44 17.56
N LEU A 89 -8.27 1.98 16.39
CA LEU A 89 -6.89 2.30 15.93
C LEU A 89 -6.69 3.76 15.69
N HIS A 90 -7.66 4.49 15.18
CA HIS A 90 -7.47 5.90 14.85
C HIS A 90 -7.18 6.71 16.10
N SER A 91 -7.98 6.51 17.15
CA SER A 91 -7.69 7.27 18.39
C SER A 91 -6.47 6.74 19.10
N PHE A 92 -6.21 5.46 19.09
CA PHE A 92 -5.02 4.87 19.69
C PHE A 92 -3.76 5.55 19.18
N MET A 93 -3.60 5.61 17.85
CA MET A 93 -2.36 6.12 17.26
C MET A 93 -2.41 7.58 16.92
N GLY A 94 -3.55 8.21 16.98
CA GLY A 94 -3.67 9.62 16.67
C GLY A 94 -3.70 9.99 15.21
N TRP A 95 -4.24 9.09 14.37
CA TRP A 95 -4.40 9.36 12.95
C TRP A 95 -5.90 9.35 12.70
N ASP A 96 -6.52 10.46 12.34
CA ASP A 96 -7.96 10.53 12.21
C ASP A 96 -8.51 10.43 10.79
N ARG A 97 -7.65 10.18 9.83
CA ARG A 97 -7.99 10.04 8.42
C ARG A 97 -8.16 8.57 8.08
N PRO A 98 -8.53 8.24 6.85
CA PRO A 98 -8.71 6.83 6.52
C PRO A 98 -7.46 5.98 6.78
N ILE A 99 -7.76 4.74 7.12
CA ILE A 99 -6.82 3.64 7.30
C ILE A 99 -7.30 2.45 6.51
N LEU A 100 -6.46 1.89 5.67
CA LEU A 100 -6.68 0.60 5.04
C LEU A 100 -5.95 -0.47 5.84
N THR A 101 -6.62 -1.59 6.12
CA THR A 101 -5.90 -2.69 6.75
C THR A 101 -5.79 -3.91 5.84
N ASP A 102 -4.57 -4.43 5.71
CA ASP A 102 -4.44 -5.71 5.08
C ASP A 102 -5.03 -6.76 6.02
N SER A 103 -5.42 -7.88 5.44
CA SER A 103 -6.24 -8.94 6.06
C SER A 103 -5.48 -10.03 6.76
N GLY A 104 -4.17 -10.09 6.61
CA GLY A 104 -3.33 -11.15 7.16
C GLY A 104 -3.01 -12.18 6.05
N GLY A 105 -3.53 -12.12 4.84
CA GLY A 105 -3.27 -13.09 3.79
C GLY A 105 -1.88 -13.14 3.22
N TYR A 106 -1.07 -12.14 3.47
CA TYR A 106 0.34 -12.13 3.10
C TYR A 106 1.18 -12.53 4.32
N GLN A 107 0.90 -11.90 5.42
CA GLN A 107 1.75 -11.68 6.57
C GLN A 107 1.80 -12.87 7.53
N MET A 109 1.87 -15.90 6.44
CA MET A 109 2.75 -16.81 5.67
C MET A 109 4.14 -16.22 5.49
N SER A 110 4.28 -14.91 5.30
CA SER A 110 5.63 -14.33 5.20
C SER A 110 6.38 -14.45 6.52
N LEU A 111 5.67 -14.29 7.63
CA LEU A 111 6.21 -14.18 8.95
C LEU A 111 5.92 -15.35 9.89
N THR A 115 2.64 -22.49 10.57
CA THR A 115 1.27 -22.44 10.06
C THR A 115 0.72 -23.82 9.70
N LYS A 116 -0.58 -23.97 9.96
CA LYS A 116 -1.45 -25.02 9.50
C LYS A 116 -2.57 -24.37 8.65
N GLN A 117 -2.59 -24.65 7.36
CA GLN A 117 -3.66 -24.09 6.53
C GLN A 117 -4.78 -25.09 6.29
N SER A 118 -6.03 -24.66 6.24
CA SER A 118 -7.16 -25.49 5.83
C SER A 118 -8.20 -24.63 5.11
N GLU A 119 -9.26 -25.22 4.60
CA GLU A 119 -10.32 -24.46 3.97
C GLU A 119 -10.94 -23.46 4.95
N GLU A 120 -10.87 -23.75 6.25
CA GLU A 120 -11.47 -22.88 7.24
C GLU A 120 -10.64 -21.63 7.49
N GLY A 121 -9.36 -21.66 7.37
CA GLY A 121 -8.44 -20.57 7.67
C GLY A 121 -7.04 -21.04 7.96
N VAL A 122 -6.26 -20.27 8.70
CA VAL A 122 -4.87 -20.61 8.97
C VAL A 122 -4.59 -20.46 10.47
N THR A 123 -3.94 -21.43 11.09
CA THR A 123 -3.46 -21.31 12.47
C THR A 123 -1.92 -21.20 12.41
N PHE A 124 -1.40 -20.36 13.28
CA PHE A 124 0.03 -20.09 13.18
CA PHE A 124 -0.11 -19.69 13.21
C PHE A 124 0.62 -19.78 14.57
N LYS A 125 1.93 -19.94 14.52
CA LYS A 125 2.83 -19.64 15.63
C LYS A 125 3.23 -18.16 15.61
N SER A 131 2.95 -18.31 21.03
CA SER A 131 1.53 -18.58 21.21
C SER A 131 0.86 -18.92 19.89
N ARG A 132 -0.32 -19.53 20.03
CA ARG A 132 -0.98 -19.96 18.79
C ARG A 132 -2.07 -18.97 18.47
N HIS A 133 -2.26 -18.74 17.15
CA HIS A 133 -3.34 -17.86 16.75
C HIS A 133 -4.05 -18.43 15.51
N MET A 134 -5.22 -17.84 15.24
CA MET A 134 -6.02 -18.24 14.10
C MET A 134 -6.54 -17.04 13.31
N LEU A 135 -6.51 -17.24 12.00
CA LEU A 135 -7.18 -16.30 11.13
C LEU A 135 -8.06 -17.07 10.14
N SER A 136 -9.14 -16.44 9.74
CA SER A 136 -10.13 -17.02 8.82
C SER A 136 -10.81 -15.85 8.15
N PRO A 137 -11.57 -15.98 7.10
CA PRO A 137 -12.30 -14.84 6.58
C PRO A 137 -13.11 -14.12 7.64
N GLU A 138 -13.82 -14.87 8.48
CA GLU A 138 -14.70 -14.29 9.47
C GLU A 138 -13.90 -13.57 10.54
N ARG A 139 -12.83 -14.07 11.06
CA ARG A 139 -12.01 -13.56 12.12
C ARG A 139 -11.21 -12.38 11.58
N SER A 140 -10.71 -12.44 10.37
CA SER A 140 -10.01 -11.29 9.78
C SER A 140 -10.91 -10.10 9.67
N ILE A 141 -12.12 -10.28 9.14
CA ILE A 141 -13.06 -9.17 8.98
C ILE A 141 -13.43 -8.64 10.36
N GLU A 142 -13.59 -9.54 11.34
CA GLU A 142 -13.90 -9.11 12.71
C GLU A 142 -12.78 -8.28 13.29
N ILE A 143 -11.53 -8.70 13.12
CA ILE A 143 -10.41 -7.93 13.62
C ILE A 143 -10.37 -6.56 12.98
N GLN A 144 -10.59 -6.51 11.67
CA GLN A 144 -10.57 -5.21 10.98
C GLN A 144 -11.69 -4.34 11.50
N HIS A 145 -12.86 -4.88 11.84
CA HIS A 145 -13.91 -4.12 12.53
C HIS A 145 -13.51 -3.61 13.89
N LEU A 146 -12.88 -4.47 14.69
CA LEU A 146 -12.39 -4.06 16.03
C LEU A 146 -11.38 -2.92 15.94
N LEU A 147 -10.51 -2.96 14.92
CA LEU A 147 -9.56 -1.88 14.72
C LEU A 147 -10.27 -0.64 14.24
N GLY A 148 -11.41 -0.71 13.61
CA GLY A 148 -12.13 0.41 13.03
C GLY A 148 -11.55 0.84 11.70
N SER A 149 -11.02 -0.07 10.93
CA SER A 149 -10.54 0.18 9.60
C SER A 149 -11.57 0.83 8.71
N ASP A 150 -11.14 1.74 7.86
CA ASP A 150 -12.00 2.32 6.85
C ASP A 150 -12.06 1.53 5.59
N ILE A 151 -10.96 0.99 5.12
CA ILE A 151 -10.91 0.09 3.94
C ILE A 151 -10.43 -1.27 4.45
N VAL A 152 -11.34 -2.22 4.40
CA VAL A 152 -11.13 -3.60 4.85
C VAL A 152 -10.76 -4.42 3.67
N MET A 153 -9.71 -5.20 3.63
CA MET A 153 -9.31 -6.17 2.67
C MET A 153 -9.92 -7.52 2.97
N ALA A 154 -10.38 -8.19 1.92
CA ALA A 154 -10.82 -9.55 2.00
C ALA A 154 -9.64 -10.42 2.48
N PHE A 155 -9.95 -11.50 3.18
CA PHE A 155 -8.98 -12.52 3.60
C PHE A 155 -8.66 -13.46 2.42
N ASP A 156 -7.43 -13.50 1.99
CA ASP A 156 -6.98 -14.26 0.84
C ASP A 156 -5.76 -15.10 1.19
N GLU A 157 -5.23 -15.76 0.17
CA GLU A 157 -3.97 -16.48 0.13
C GLU A 157 -3.05 -15.77 -0.88
N CYS A 158 -1.97 -15.06 -0.53
CA CYS A 158 -1.01 -14.60 -1.52
C CYS A 158 -0.23 -15.78 -2.05
N THR A 159 -0.46 -16.23 -3.27
CA THR A 159 0.15 -17.45 -3.83
C THR A 159 1.65 -17.25 -3.91
N PRO A 160 2.47 -18.15 -3.40
CA PRO A 160 3.92 -18.05 -3.55
C PRO A 160 4.35 -18.00 -5.01
N TYR A 161 5.51 -17.38 -5.24
CA TYR A 161 6.07 -17.21 -6.56
C TYR A 161 7.44 -17.89 -6.59
N PRO A 162 7.73 -18.69 -7.60
CA PRO A 162 6.83 -19.08 -8.68
C PRO A 162 5.82 -20.15 -8.26
N ALA A 163 4.74 -20.24 -8.99
CA ALA A 163 3.77 -21.31 -8.77
C ALA A 163 3.44 -21.99 -10.05
N THR A 164 3.21 -23.34 -9.84
CA THR A 164 2.73 -24.04 -11.02
C THR A 164 1.29 -23.70 -11.38
N PRO A 165 0.81 -23.83 -12.57
CA PRO A 165 -0.57 -23.46 -12.88
C PRO A 165 -1.58 -24.21 -12.01
N SER A 166 -1.35 -25.50 -11.73
CA SER A 166 -2.25 -26.22 -10.84
C SER A 166 -2.36 -25.64 -9.45
N ARG A 167 -1.34 -25.30 -8.71
CA ARG A 167 -1.17 -24.78 -7.39
C ARG A 167 -1.72 -23.33 -7.40
N ALA A 168 -1.43 -22.60 -8.46
CA ALA A 168 -1.94 -21.22 -8.56
C ALA A 168 -3.45 -21.23 -8.66
N ALA A 169 -4.00 -22.19 -9.42
CA ALA A 169 -5.43 -22.32 -9.61
C ALA A 169 -6.09 -22.74 -8.29
N SER A 170 -5.57 -23.75 -7.62
CA SER A 170 -6.13 -24.19 -6.34
C SER A 170 -6.17 -23.08 -5.37
N SER A 171 -5.09 -22.29 -5.31
CA SER A 171 -4.93 -21.22 -4.37
C SER A 171 -5.90 -20.08 -4.69
N MET A 172 -5.98 -19.72 -5.98
CA MET A 172 -6.93 -18.70 -6.38
C MET A 172 -8.35 -19.09 -6.09
N GLU A 173 -8.73 -20.34 -6.36
CA GLU A 173 -10.11 -20.78 -6.09
C GLU A 173 -10.49 -20.71 -4.63
N ARG A 174 -9.57 -21.10 -3.77
CA ARG A 174 -9.78 -20.97 -2.33
C ARG A 174 -9.94 -19.47 -2.00
N SER A 175 -9.03 -18.64 -2.52
CA SER A 175 -9.19 -17.21 -2.23
C SER A 175 -10.52 -16.70 -2.68
N MET A 176 -11.08 -17.17 -3.81
CA MET A 176 -12.36 -16.65 -4.24
C MET A 176 -13.49 -17.13 -3.32
N ARG A 177 -13.39 -18.38 -2.81
CA ARG A 177 -14.37 -18.79 -1.79
C ARG A 177 -14.24 -17.95 -0.51
N TRP A 178 -13.01 -17.66 -0.11
CA TRP A 178 -12.75 -16.77 1.03
C TRP A 178 -13.21 -15.36 0.75
N ALA A 179 -13.22 -14.89 -0.48
CA ALA A 179 -13.67 -13.53 -0.81
C ALA A 179 -15.17 -13.44 -0.56
N LYS A 180 -15.91 -14.51 -0.93
CA LYS A 180 -17.34 -14.56 -0.69
C LYS A 180 -17.64 -14.58 0.80
N ARG A 181 -16.89 -15.38 1.55
CA ARG A 181 -17.06 -15.40 3.00
C ARG A 181 -16.72 -14.06 3.65
N SER A 182 -15.72 -13.36 3.10
CA SER A 182 -15.35 -12.03 3.57
C SER A 182 -16.49 -11.04 3.35
N ARG A 183 -17.05 -11.05 2.13
CA ARG A 183 -18.16 -10.22 1.80
C ARG A 183 -19.31 -10.43 2.76
N ASP A 184 -19.67 -11.69 3.00
CA ASP A 184 -20.82 -11.99 3.87
C ASP A 184 -20.53 -11.63 5.30
N ALA A 185 -19.33 -11.85 5.80
CA ALA A 185 -18.98 -11.44 7.17
C ALA A 185 -19.05 -9.93 7.33
N PHE A 186 -18.59 -9.16 6.35
CA PHE A 186 -18.60 -7.69 6.42
C PHE A 186 -20.04 -7.23 6.39
N ASP A 187 -20.83 -7.77 5.48
CA ASP A 187 -22.21 -7.32 5.33
C ASP A 187 -23.10 -7.68 6.53
N SER A 188 -22.74 -8.70 7.25
CA SER A 188 -23.52 -9.13 8.41
C SER A 188 -23.29 -8.26 9.61
N ARG A 189 -22.33 -7.36 9.60
CA ARG A 189 -22.06 -6.48 10.66
C ARG A 189 -22.49 -5.07 10.28
N LYS A 190 -23.66 -4.64 10.71
CA LYS A 190 -24.27 -3.42 10.18
C LYS A 190 -23.37 -2.20 10.32
N GLU A 191 -22.74 -1.96 11.43
CA GLU A 191 -21.91 -0.78 11.65
C GLU A 191 -20.74 -0.78 10.67
N GLN A 192 -20.14 -1.95 10.44
CA GLN A 192 -19.04 -2.04 9.50
C GLN A 192 -19.54 -1.80 8.09
N ALA A 193 -20.63 -2.43 7.68
CA ALA A 193 -21.17 -2.30 6.34
C ALA A 193 -21.56 -0.86 6.07
N GLU A 194 -22.02 -0.12 7.08
CA GLU A 194 -22.47 1.23 6.84
C GLU A 194 -21.34 2.26 6.84
N ASN A 195 -20.20 1.98 7.42
CA ASN A 195 -19.17 2.96 7.63
C ASN A 195 -17.83 2.69 6.97
N ALA A 196 -17.60 1.47 6.56
CA ALA A 196 -16.33 1.05 5.97
C ALA A 196 -16.57 0.59 4.56
N ALA A 197 -15.49 0.33 3.83
CA ALA A 197 -15.48 -0.22 2.49
C ALA A 197 -14.76 -1.55 2.47
N LEU A 198 -15.08 -2.41 1.53
CA LEU A 198 -14.48 -3.72 1.41
C LEU A 198 -13.85 -3.88 0.03
N PHE A 199 -12.59 -4.25 -0.02
CA PHE A 199 -11.92 -4.55 -1.28
C PHE A 199 -11.67 -6.03 -1.45
N GLY A 200 -11.84 -6.54 -2.65
CA GLY A 200 -11.52 -7.90 -3.02
C GLY A 200 -10.12 -7.99 -3.55
N ILE A 201 -9.48 -9.13 -3.49
CA ILE A 201 -8.10 -9.30 -3.97
C ILE A 201 -8.04 -10.34 -5.06
N GLN A 202 -7.64 -9.95 -6.26
CA GLN A 202 -7.42 -10.85 -7.37
C GLN A 202 -6.14 -11.60 -7.15
N GLN A 203 -6.06 -12.89 -7.36
CA GLN A 203 -5.04 -13.86 -7.44
C GLN A 203 -4.97 -14.49 -8.83
N GLY A 204 -4.18 -15.55 -8.97
CA GLY A 204 -3.94 -16.19 -10.25
C GLY A 204 -2.51 -16.18 -10.66
N SER A 205 -1.58 -15.76 -9.84
CA SER A 205 -0.14 -15.77 -10.13
C SER A 205 0.07 -15.00 -11.41
N VAL A 206 0.84 -15.55 -12.37
CA VAL A 206 1.22 -14.88 -13.61
C VAL A 206 0.39 -15.38 -14.75
N PHE A 207 -0.69 -16.13 -14.50
CA PHE A 207 -1.44 -16.79 -15.55
C PHE A 207 -2.69 -16.05 -15.94
N GLU A 208 -2.81 -15.63 -17.20
CA GLU A 208 -3.90 -14.80 -17.67
C GLU A 208 -5.25 -15.44 -17.43
N ASN A 209 -5.37 -16.75 -17.74
CA ASN A 209 -6.72 -17.31 -17.56
C ASN A 209 -7.17 -17.36 -16.09
N LEU A 210 -6.24 -17.61 -15.19
CA LEU A 210 -6.60 -17.63 -13.76
C LEU A 210 -6.86 -16.21 -13.24
N ARG A 211 -6.14 -15.20 -13.70
CA ARG A 211 -6.44 -13.82 -13.36
C ARG A 211 -7.82 -13.43 -13.83
N GLN A 212 -8.25 -13.90 -15.02
CA GLN A 212 -9.57 -13.63 -15.54
C GLN A 212 -10.65 -14.27 -14.72
N GLN A 213 -10.48 -15.52 -14.38
CA GLN A 213 -11.46 -16.24 -13.55
C GLN A 213 -11.60 -15.53 -12.20
N SER A 214 -10.45 -15.10 -11.66
CA SER A 214 -10.51 -14.39 -10.38
C SER A 214 -11.19 -13.04 -10.46
N ALA A 215 -10.90 -12.24 -11.47
CA ALA A 215 -11.59 -11.01 -11.68
C ALA A 215 -13.08 -11.24 -11.81
N ASP A 216 -13.47 -12.26 -12.59
CA ASP A 216 -14.88 -12.51 -12.78
C ASP A 216 -15.56 -12.88 -11.46
N ALA A 217 -14.94 -13.73 -10.69
CA ALA A 217 -15.51 -14.14 -9.41
C ALA A 217 -15.71 -12.93 -8.50
N LEU A 218 -14.67 -12.08 -8.46
CA LEU A 218 -14.74 -10.91 -7.57
C LEU A 218 -15.81 -9.92 -8.02
N ALA A 219 -15.91 -9.72 -9.34
CA ALA A 219 -16.92 -8.77 -9.84
C ALA A 219 -18.33 -9.33 -9.62
N GLU A 220 -18.51 -10.64 -9.71
CA GLU A 220 -19.81 -11.26 -9.41
C GLU A 220 -20.22 -11.06 -7.97
N ILE A 221 -19.28 -11.19 -7.04
CA ILE A 221 -19.55 -10.90 -5.63
C ILE A 221 -19.82 -9.43 -5.42
N GLY A 222 -18.96 -8.60 -6.00
CA GLY A 222 -19.05 -7.16 -5.92
C GLY A 222 -18.35 -6.58 -4.71
N PHE A 223 -17.42 -5.69 -4.97
CA PHE A 223 -16.64 -5.03 -3.93
C PHE A 223 -16.56 -3.56 -4.20
N ASP A 224 -16.07 -2.76 -3.28
CA ASP A 224 -15.88 -1.32 -3.41
C ASP A 224 -14.62 -0.98 -4.14
N GLY A 225 -13.66 -1.87 -4.18
CA GLY A 225 -12.41 -1.74 -4.86
C GLY A 225 -11.76 -3.09 -5.03
N TYR A 226 -10.78 -3.16 -5.88
CA TYR A 226 -10.20 -4.42 -6.31
C TYR A 226 -8.71 -4.30 -6.25
N ALA A 227 -8.07 -5.16 -5.49
CA ALA A 227 -6.60 -5.23 -5.40
C ALA A 227 -6.12 -6.28 -6.35
N VAL A 228 -4.93 -6.01 -6.90
CA VAL A 228 -4.13 -6.99 -7.59
C VAL A 228 -3.18 -7.58 -6.57
N GLY A 229 -3.46 -8.81 -6.14
CA GLY A 229 -2.65 -9.53 -5.21
C GLY A 229 -1.66 -10.39 -5.94
N GLY A 230 -0.78 -11.01 -5.14
CA GLY A 230 0.13 -11.99 -5.66
C GLY A 230 1.30 -11.51 -6.45
N LEU A 231 1.56 -10.23 -6.43
CA LEU A 231 2.71 -9.59 -7.06
C LEU A 231 3.59 -8.95 -6.01
N ALA A 232 4.72 -8.39 -6.46
CA ALA A 232 5.76 -7.94 -5.56
C ALA A 232 6.18 -9.02 -4.55
N VAL A 233 6.39 -10.22 -5.10
CA VAL A 233 6.77 -11.38 -4.33
C VAL A 233 8.00 -12.06 -4.96
N GLY A 234 8.82 -11.25 -5.63
CA GLY A 234 10.08 -11.75 -6.20
C GLY A 234 10.11 -11.84 -7.69
N GLU A 235 9.03 -11.52 -8.41
CA GLU A 235 8.99 -11.74 -9.85
C GLU A 235 9.76 -10.69 -10.65
N GLY A 236 10.06 -9.54 -10.10
CA GLY A 236 10.82 -8.68 -11.05
C GLY A 236 9.92 -7.84 -11.93
N GLN A 237 10.43 -6.67 -12.30
CA GLN A 237 9.54 -5.64 -12.85
C GLN A 237 8.95 -6.00 -14.14
N ASP A 238 9.71 -6.58 -15.08
CA ASP A 238 9.25 -6.89 -16.39
C ASP A 238 8.03 -7.82 -16.33
N GLU A 239 8.16 -8.86 -15.52
CA GLU A 239 7.09 -9.83 -15.32
C GLU A 239 5.87 -9.22 -14.62
N MET A 240 6.17 -8.41 -13.61
CA MET A 240 5.07 -7.75 -12.91
C MET A 240 4.24 -6.88 -13.85
N PHE A 241 4.98 -6.14 -14.70
CA PHE A 241 4.32 -5.30 -15.71
C PHE A 241 3.55 -6.07 -16.76
N ARG A 242 4.09 -7.19 -17.22
CA ARG A 242 3.37 -8.07 -18.12
C ARG A 242 2.07 -8.61 -17.53
N VAL A 243 2.10 -8.98 -16.25
CA VAL A 243 0.88 -9.45 -15.60
C VAL A 243 -0.12 -8.30 -15.46
N LEU A 244 0.38 -7.11 -15.09
CA LEU A 244 -0.53 -5.97 -14.98
C LEU A 244 -1.18 -5.62 -16.32
N ASP A 245 -0.39 -5.81 -17.40
CA ASP A 245 -0.90 -5.44 -18.72
C ASP A 245 -2.23 -6.12 -19.02
N PHE A 246 -2.39 -7.41 -18.70
CA PHE A 246 -3.63 -8.09 -18.94
C PHE A 246 -4.57 -8.13 -17.71
N SER A 247 -4.02 -8.00 -16.50
CA SER A 247 -4.85 -8.20 -15.32
C SER A 247 -5.68 -6.98 -14.94
N VAL A 248 -5.08 -5.80 -14.99
CA VAL A 248 -5.88 -4.63 -14.56
C VAL A 248 -7.10 -4.40 -15.42
N PRO A 249 -7.07 -4.55 -16.74
CA PRO A 249 -8.30 -4.37 -17.54
C PRO A 249 -9.43 -5.31 -17.24
N MET A 250 -9.13 -6.43 -16.56
CA MET A 250 -10.15 -7.37 -16.17
C MET A 250 -11.03 -6.91 -15.01
N LEU A 251 -10.49 -5.95 -14.27
CA LEU A 251 -11.20 -5.47 -13.08
C LEU A 251 -12.22 -4.40 -13.46
N PRO A 252 -13.27 -4.21 -12.73
CA PRO A 252 -14.22 -3.14 -13.03
C PRO A 252 -13.53 -1.81 -13.15
N ASP A 253 -13.82 -1.07 -14.21
CA ASP A 253 -13.14 0.19 -14.48
C ASP A 253 -13.51 1.28 -13.53
N ASP A 254 -14.70 1.26 -13.01
CA ASP A 254 -15.24 2.33 -12.16
C ASP A 254 -14.95 2.21 -10.67
N LYS A 255 -14.07 1.29 -10.30
CA LYS A 255 -13.66 1.12 -8.91
C LYS A 255 -12.17 1.23 -8.82
N PRO A 256 -11.63 1.60 -7.64
CA PRO A 256 -10.18 1.69 -7.51
C PRO A 256 -9.49 0.36 -7.68
N HIS A 257 -8.27 0.45 -8.18
CA HIS A 257 -7.39 -0.67 -8.43
C HIS A 257 -6.16 -0.52 -7.55
N TYR A 258 -5.90 -1.44 -6.66
CA TYR A 258 -4.87 -1.35 -5.62
C TYR A 258 -3.79 -2.41 -5.87
N LEU A 259 -2.55 -2.03 -6.13
CA LEU A 259 -1.48 -2.98 -6.31
C LEU A 259 -0.72 -3.12 -4.99
N MET A 260 -0.91 -4.27 -4.34
CA MET A 260 -0.45 -4.50 -2.97
C MET A 260 1.05 -4.64 -2.90
N GLY A 261 1.69 -3.84 -2.07
CA GLY A 261 3.10 -3.97 -1.83
C GLY A 261 4.03 -3.29 -2.80
N VAL A 262 3.52 -2.57 -3.77
CA VAL A 262 4.36 -1.86 -4.75
C VAL A 262 4.44 -0.39 -4.43
N GLY A 263 5.60 0.23 -4.46
CA GLY A 263 6.90 -0.33 -4.77
C GLY A 263 7.91 0.79 -4.95
N LYS A 264 8.94 0.50 -5.72
CA LYS A 264 9.97 1.49 -6.03
C LYS A 264 9.35 2.59 -6.88
N PRO A 265 9.93 3.79 -6.89
CA PRO A 265 9.32 4.86 -7.71
C PRO A 265 9.07 4.46 -9.14
N ASP A 266 9.96 3.78 -9.83
CA ASP A 266 9.71 3.37 -11.21
CA ASP A 266 9.68 3.42 -11.24
C ASP A 266 8.61 2.34 -11.36
N ASP A 267 8.49 1.47 -10.32
CA ASP A 267 7.40 0.51 -10.36
C ASP A 267 6.04 1.23 -10.27
N ILE A 268 5.96 2.24 -9.42
CA ILE A 268 4.73 3.02 -9.27
C ILE A 268 4.36 3.72 -10.58
N VAL A 269 5.33 4.39 -11.22
CA VAL A 269 5.02 5.08 -12.46
C VAL A 269 4.50 4.10 -13.52
N GLY A 270 5.20 2.97 -13.71
CA GLY A 270 4.70 2.02 -14.70
C GLY A 270 3.41 1.35 -14.38
N ALA A 271 3.15 1.16 -13.07
CA ALA A 271 1.85 0.59 -12.67
C ALA A 271 0.70 1.56 -12.91
N VAL A 272 0.92 2.87 -12.67
CA VAL A 272 -0.10 3.85 -12.99
C VAL A 272 -0.35 3.85 -14.50
N GLU A 273 0.71 3.75 -15.33
CA GLU A 273 0.53 3.64 -16.75
C GLU A 273 -0.32 2.45 -17.13
N ARG A 274 -0.46 1.45 -16.28
CA ARG A 274 -1.23 0.23 -16.49
C ARG A 274 -2.54 0.25 -15.73
N GLY A 275 -2.99 1.33 -15.10
CA GLY A 275 -4.27 1.47 -14.53
C GLY A 275 -4.39 1.30 -13.02
N ILE A 276 -3.30 1.33 -12.30
CA ILE A 276 -3.34 1.24 -10.85
C ILE A 276 -3.54 2.59 -10.21
N ASP A 277 -4.38 2.62 -9.18
CA ASP A 277 -4.78 3.78 -8.45
C ASP A 277 -4.18 3.88 -7.02
N MET A 278 -3.73 2.77 -6.41
CA MET A 278 -3.34 2.79 -5.01
C MET A 278 -2.13 1.89 -4.82
N PHE A 279 -1.24 2.31 -3.92
CA PHE A 279 0.05 1.70 -3.67
C PHE A 279 0.36 1.73 -2.17
N ASP A 280 1.19 0.77 -1.76
CA ASP A 280 1.81 0.76 -0.42
C ASP A 280 3.16 0.09 -0.51
N CYS A 281 4.10 0.52 0.33
CA CYS A 281 5.24 -0.35 0.52
C CYS A 281 6.10 0.19 1.65
N VAL A 282 6.89 -0.69 2.22
CA VAL A 282 7.79 -0.31 3.30
C VAL A 282 9.08 0.28 2.76
N LEU A 283 9.34 0.31 1.46
CA LEU A 283 10.63 0.77 0.94
C LEU A 283 11.01 2.17 1.41
N PRO A 284 10.18 3.20 1.33
CA PRO A 284 10.63 4.53 1.80
C PRO A 284 10.94 4.58 3.29
N THR A 285 10.21 3.91 4.14
CA THR A 285 10.43 3.95 5.59
C THR A 285 11.63 3.04 5.92
N ARG A 286 11.57 1.76 5.53
CA ARG A 286 12.58 0.79 5.91
C ARG A 286 13.91 1.15 5.29
N SER A 287 13.92 1.45 4.01
CA SER A 287 15.24 1.72 3.42
C SER A 287 15.75 3.07 3.88
N GLY A 288 14.89 4.02 4.25
CA GLY A 288 15.35 5.28 4.84
C GLY A 288 16.08 5.05 6.14
N ARG A 289 15.49 4.20 7.00
CA ARG A 289 16.27 3.91 8.24
C ARG A 289 17.62 3.26 7.91
N ASN A 290 17.78 2.56 6.83
CA ASN A 290 19.04 1.89 6.44
C ASN A 290 19.96 2.79 5.63
N GLY A 291 19.57 4.03 5.45
CA GLY A 291 20.46 4.93 4.76
C GLY A 291 20.11 5.30 3.35
N GLN A 292 19.10 4.71 2.74
CA GLN A 292 18.80 5.00 1.36
C GLN A 292 17.82 6.19 1.24
N ALA A 293 18.20 7.19 0.52
CA ALA A 293 17.38 8.37 0.27
C ALA A 293 16.97 8.40 -1.18
N PHE A 294 15.69 8.61 -1.45
CA PHE A 294 15.25 8.79 -2.82
C PHE A 294 15.50 10.18 -3.34
N THR A 295 16.00 10.32 -4.57
CA THR A 295 16.16 11.63 -5.23
C THR A 295 15.62 11.54 -6.66
N TRP A 296 15.40 12.66 -7.30
CA TRP A 296 14.94 12.58 -8.71
C TRP A 296 15.97 12.10 -9.67
N ASP A 297 17.23 12.07 -9.32
CA ASP A 297 18.36 11.44 -9.97
C ASP A 297 18.68 10.06 -9.46
N GLY A 298 17.76 9.38 -8.82
CA GLY A 298 17.91 8.03 -8.32
C GLY A 298 18.24 7.97 -6.84
N PRO A 299 18.20 6.79 -6.28
CA PRO A 299 18.49 6.64 -4.85
C PRO A 299 19.98 6.85 -4.54
N ILE A 300 20.27 7.35 -3.35
CA ILE A 300 21.63 7.47 -2.83
C ILE A 300 21.70 6.79 -1.50
N ASN A 301 22.89 6.32 -1.10
CA ASN A 301 23.06 5.75 0.21
C ASN A 301 23.86 6.77 1.04
N ILE A 302 23.14 7.42 1.93
CA ILE A 302 23.71 8.52 2.70
C ILE A 302 24.87 8.13 3.58
N ARG A 303 25.02 6.87 3.88
CA ARG A 303 26.16 6.41 4.67
C ARG A 303 27.45 6.55 3.87
N ASN A 304 27.45 6.62 2.57
CA ASN A 304 28.67 6.65 1.76
C ASN A 304 29.49 7.85 2.21
N ALA A 305 30.81 7.61 2.35
CA ALA A 305 31.77 8.62 2.79
C ALA A 305 31.74 9.81 1.84
N ARG A 306 31.26 9.72 0.62
CA ARG A 306 31.29 10.88 -0.25
C ARG A 306 30.33 11.98 0.26
N PHE A 307 29.44 11.63 1.14
CA PHE A 307 28.48 12.63 1.67
C PHE A 307 28.95 13.27 2.96
N SER A 308 30.11 12.94 3.52
CA SER A 308 30.47 13.40 4.85
C SER A 308 30.66 14.93 4.93
N GLU A 309 30.94 15.59 3.83
CA GLU A 309 31.06 17.04 3.88
C GLU A 309 30.23 17.72 2.82
N ASP A 310 29.18 17.05 2.36
CA ASP A 310 28.23 17.51 1.36
C ASP A 310 27.14 18.38 2.00
N LEU A 311 27.16 19.68 1.75
CA LEU A 311 26.24 20.63 2.38
C LEU A 311 24.91 20.69 1.65
N LYS A 312 24.75 20.00 0.52
CA LYS A 312 23.47 20.02 -0.20
C LYS A 312 22.40 19.27 0.57
N PRO A 313 21.12 19.55 0.35
CA PRO A 313 20.06 18.72 0.90
C PRO A 313 20.01 17.35 0.22
N LEU A 314 19.29 16.41 0.81
CA LEU A 314 19.14 15.07 0.21
C LEU A 314 18.80 15.18 -1.28
N ASP A 315 17.84 16.00 -1.61
CA ASP A 315 17.46 16.19 -3.00
C ASP A 315 17.30 17.70 -3.24
N SER A 316 17.81 18.05 -4.45
CA SER A 316 17.92 19.42 -4.86
C SER A 316 16.63 20.20 -5.07
N GLU A 317 15.54 19.49 -5.36
CA GLU A 317 14.26 20.12 -5.64
C GLU A 317 13.22 19.86 -4.58
N CYS A 318 13.44 18.83 -3.77
CA CYS A 318 12.44 18.42 -2.77
C CYS A 318 12.01 19.55 -1.87
N HIS A 319 10.70 19.64 -1.68
CA HIS A 319 10.14 20.66 -0.80
C HIS A 319 9.97 20.27 0.65
N CYS A 320 10.52 19.13 1.07
CA CYS A 320 10.21 18.69 2.41
C CYS A 320 10.96 19.47 3.49
N ALA A 321 10.48 19.39 4.71
CA ALA A 321 11.10 20.15 5.80
C ALA A 321 12.53 19.70 6.04
N VAL A 322 12.87 18.46 5.73
CA VAL A 322 14.23 17.95 5.93
C VAL A 322 15.16 18.66 4.97
N CYS A 323 14.79 18.73 3.71
CA CYS A 323 15.61 19.36 2.68
C CYS A 323 15.67 20.86 2.84
N GLN A 324 14.71 21.46 3.53
CA GLN A 324 14.80 22.89 3.81
C GLN A 324 15.82 23.17 4.88
N LYS A 325 16.15 22.26 5.76
CA LYS A 325 16.84 22.58 7.00
CA LYS A 325 16.90 22.64 6.95
C LYS A 325 18.19 21.87 7.22
N TRP A 326 18.37 20.67 6.75
CA TRP A 326 19.59 19.90 7.09
C TRP A 326 20.30 19.42 5.83
N SER A 327 21.61 19.28 5.98
CA SER A 327 22.47 18.80 4.92
C SER A 327 22.62 17.27 4.89
N ARG A 328 23.05 16.82 3.73
CA ARG A 328 23.52 15.46 3.57
C ARG A 328 24.59 15.15 4.60
N ALA A 329 25.52 16.08 4.84
CA ALA A 329 26.61 15.81 5.79
C ALA A 329 26.08 15.50 7.18
N TYR A 330 25.08 16.27 7.61
CA TYR A 330 24.54 16.03 8.96
C TYR A 330 23.82 14.71 9.03
N ILE A 331 23.00 14.41 8.02
CA ILE A 331 22.22 13.19 8.05
C ILE A 331 23.15 11.95 7.94
N HIS A 332 24.20 12.10 7.12
CA HIS A 332 25.28 11.11 7.05
C HIS A 332 25.81 10.81 8.44
N HIS A 333 26.18 11.83 9.19
CA HIS A 333 26.67 11.69 10.53
C HIS A 333 25.67 10.96 11.42
N LEU A 334 24.40 11.41 11.36
CA LEU A 334 23.40 10.80 12.22
C LEU A 334 23.22 9.32 11.95
N ILE A 335 23.15 8.93 10.66
CA ILE A 335 22.94 7.53 10.33
C ILE A 335 24.15 6.72 10.73
N ARG A 336 25.34 7.20 10.46
CA ARG A 336 26.54 6.47 10.84
C ARG A 336 26.63 6.32 12.34
N ALA A 337 26.16 7.28 13.08
CA ALA A 337 26.19 7.21 14.56
C ALA A 337 25.04 6.40 15.12
N GLY A 338 24.08 5.95 14.35
CA GLY A 338 22.94 5.21 14.84
C GLY A 338 21.96 6.08 15.62
N GLU A 339 21.94 7.38 15.30
CA GLU A 339 21.04 8.28 16.02
C GLU A 339 19.62 8.22 15.50
N ILE A 340 18.68 8.25 16.44
CA ILE A 340 17.24 8.19 16.10
C ILE A 340 16.88 9.33 15.19
N LEU A 341 17.40 10.54 15.38
CA LEU A 341 17.05 11.62 14.50
C LEU A 341 17.43 11.31 13.06
N GLY A 342 18.49 10.52 12.81
CA GLY A 342 18.73 10.14 11.43
C GLY A 342 17.61 9.33 10.79
N ALA A 343 17.07 8.36 11.50
CA ALA A 343 15.92 7.62 11.02
C ALA A 343 14.75 8.54 10.81
N MET A 344 14.48 9.47 11.72
CA MET A 344 13.35 10.37 11.57
C MET A 344 13.48 11.21 10.31
N LEU A 345 14.66 11.80 10.11
CA LEU A 345 14.85 12.70 8.96
C LEU A 345 14.83 11.98 7.62
N MET A 346 15.50 10.82 7.57
CA MET A 346 15.50 10.04 6.34
C MET A 346 14.08 9.61 5.98
N THR A 347 13.31 9.20 6.96
CA THR A 347 11.96 8.68 6.73
C THR A 347 11.05 9.79 6.28
N GLU A 348 11.09 10.97 6.92
CA GLU A 348 10.25 12.07 6.54
C GLU A 348 10.56 12.46 5.11
N HIS A 349 11.84 12.60 4.74
CA HIS A 349 12.19 12.94 3.37
C HIS A 349 11.65 11.89 2.45
N ASN A 350 11.85 10.60 2.71
CA ASN A 350 11.47 9.58 1.71
C ASN A 350 9.96 9.52 1.54
N ILE A 351 9.22 9.67 2.61
CA ILE A 351 7.76 9.68 2.48
C ILE A 351 7.37 10.94 1.76
N ALA A 352 7.94 12.09 2.01
CA ALA A 352 7.60 13.28 1.29
C ALA A 352 7.96 13.16 -0.18
N PHE A 353 9.08 12.54 -0.53
CA PHE A 353 9.43 12.27 -1.91
C PHE A 353 8.36 11.45 -2.59
N TYR A 354 7.98 10.34 -1.97
CA TYR A 354 6.90 9.52 -2.55
C TYR A 354 5.64 10.35 -2.74
N GLN A 355 5.24 11.17 -1.80
CA GLN A 355 3.99 11.94 -1.98
C GLN A 355 4.18 12.97 -3.10
N GLN A 356 5.36 13.57 -3.24
CA GLN A 356 5.62 14.50 -4.37
C GLN A 356 5.57 13.75 -5.67
N LEU A 357 6.03 12.53 -5.76
CA LEU A 357 5.91 11.71 -6.94
C LEU A 357 4.43 11.50 -7.24
N MET A 358 3.62 11.15 -6.26
CA MET A 358 2.20 10.92 -6.54
C MET A 358 1.55 12.23 -6.98
N GLN A 359 1.90 13.37 -6.42
CA GLN A 359 1.31 14.63 -6.84
C GLN A 359 1.71 14.94 -8.25
N LYS A 360 2.93 14.70 -8.68
CA LYS A 360 3.36 14.97 -10.04
C LYS A 360 2.64 14.01 -10.97
N ILE A 361 2.39 12.79 -10.58
CA ILE A 361 1.60 11.86 -11.39
C ILE A 361 0.19 12.37 -11.52
N ARG A 362 -0.50 12.73 -10.46
CA ARG A 362 -1.86 13.22 -10.53
C ARG A 362 -1.97 14.45 -11.42
N ASP A 363 -1.09 15.41 -11.20
CA ASP A 363 -1.15 16.65 -11.98
C ASP A 363 -0.87 16.32 -13.44
N SER A 364 0.08 15.47 -13.76
CA SER A 364 0.36 15.20 -15.15
C SER A 364 -0.78 14.48 -15.82
N ILE A 365 -1.48 13.55 -15.18
CA ILE A 365 -2.64 12.93 -15.80
C ILE A 365 -3.71 13.97 -15.99
N SER A 366 -3.95 14.82 -15.02
CA SER A 366 -4.96 15.85 -15.09
C SER A 366 -4.69 16.79 -16.26
N GLU A 367 -3.47 17.00 -16.61
CA GLU A 367 -3.05 17.91 -17.69
C GLU A 367 -2.80 17.16 -18.96
N GLY A 368 -3.03 15.85 -19.05
CA GLY A 368 -2.82 15.17 -20.32
C GLY A 368 -1.39 15.02 -20.70
N ARG A 369 -0.43 15.00 -19.77
CA ARG A 369 0.98 14.90 -20.09
C ARG A 369 1.73 13.89 -19.22
N PHE A 370 0.96 12.88 -18.83
CA PHE A 370 1.57 11.82 -17.98
C PHE A 370 2.56 10.98 -18.72
N SER A 371 2.26 10.65 -19.99
CA SER A 371 3.25 9.81 -20.71
C SER A 371 4.55 10.59 -20.85
N GLN A 372 4.54 11.89 -21.11
CA GLN A 372 5.77 12.65 -21.16
C GLN A 372 6.43 12.66 -19.78
N PHE A 373 5.65 12.84 -18.72
CA PHE A 373 6.22 12.83 -17.39
C PHE A 373 6.93 11.52 -17.10
N ALA A 374 6.29 10.42 -17.44
CA ALA A 374 6.85 9.11 -17.15
C ALA A 374 8.18 8.93 -17.89
N GLN A 375 8.23 9.35 -19.15
CA GLN A 375 9.50 9.25 -19.89
C GLN A 375 10.59 10.12 -19.31
N ASP A 376 10.27 11.34 -18.96
CA ASP A 376 11.18 12.29 -18.35
C ASP A 376 11.69 11.80 -17.00
N PHE A 377 10.76 11.27 -16.21
CA PHE A 377 11.10 10.76 -14.89
C PHE A 377 12.14 9.69 -15.07
N ARG A 378 11.82 8.71 -15.93
CA ARG A 378 12.75 7.58 -16.09
C ARG A 378 14.11 8.04 -16.62
N ALA A 379 14.14 8.94 -17.58
CA ALA A 379 15.42 9.35 -18.19
C ALA A 379 16.31 9.92 -17.12
N ARG A 380 15.73 10.69 -16.20
CA ARG A 380 16.58 11.27 -15.18
C ARG A 380 16.88 10.36 -14.00
N TYR A 381 15.91 9.53 -13.59
CA TYR A 381 16.06 8.70 -12.41
C TYR A 381 17.09 7.63 -12.68
N PHE A 382 17.18 7.24 -13.96
CA PHE A 382 18.13 6.19 -14.29
C PHE A 382 19.38 6.79 -14.95
ZN ZN B . 13.34 16.18 1.13
N2 BGU C . 2.92 -8.33 -2.13
C3 BGU C . 1.72 -8.62 -1.54
C7 BGU C . 0.64 -9.39 -1.97
C8 BGU C . -0.44 -9.45 -1.10
C14 BGU C . -0.53 -8.70 0.08
C15 BGU C . 0.54 -7.88 0.47
C4 BGU C . 1.64 -7.86 -0.37
N5 BGU C . 2.86 -7.23 -0.24
C1 BGU C . 3.52 -7.51 -1.29
N6 BGU C . 4.81 -7.19 -1.47
N13 BGU C . -1.63 -8.86 0.91
C12 BGU C . -2.59 -9.71 0.62
N16 BGU C . -3.56 -9.89 1.50
N11 BGU C . -2.58 -10.47 -0.47
C9 BGU C . -1.59 -10.38 -1.37
O10 BGU C . -1.64 -11.05 -2.43
C1 GOL D . -2.54 13.57 11.70
O1 GOL D . -2.09 14.41 12.78
C2 GOL D . -4.06 13.72 11.65
O2 GOL D . -4.75 12.85 12.55
C3 GOL D . -4.42 13.36 10.18
O3 GOL D . -5.47 14.29 9.83
#